data_1G2N
#
_entry.id   1G2N
#
_cell.length_a   58.211
_cell.length_b   58.211
_cell.length_c   144.687
_cell.angle_alpha   90.00
_cell.angle_beta   90.00
_cell.angle_gamma   90.00
#
_symmetry.space_group_name_H-M   'P 43 2 2'
#
loop_
_entity.id
_entity.type
_entity.pdbx_description
1 polymer 'ULTRASPIRACLE PROTEIN'
2 non-polymer L-ALPHA-PHOSPHATIDYL-BETA-OLEOYL-GAMMA-PALMITOYL-PHOSPHATIDYLETHANOLAMINE
3 water water
#
_entity_poly.entity_id   1
_entity_poly.type   'polypeptide(L)'
_entity_poly.pdbx_seq_one_letter_code
;AAVQELSIERLLEMESLVADPSEEFQFLRVGPDSNVPPKFRAPVSSLCQIGNKQIAALVVWARDIPHFSQLEMEDQILLI
KGSWNELLLFAIAWRSMEFLTEERDGVDGTGNRTTSPPQLMCLMPGMTLHRNSALQAGVGQIFDRVLSELSLKMRTLRVD
QAEYVALKAIILLNPDVKGLKNRQEVEVLREKMFLCLDEYCRRSRSSEEGRFAALLLRLPALRSISLKSFEHLFFFHLVA
DTSIAGYIRDALRNHAPPIDTNMM
;
_entity_poly.pdbx_strand_id   A
#
loop_
_chem_comp.id
_chem_comp.type
_chem_comp.name
_chem_comp.formula
EPH non-polymer L-ALPHA-PHOSPHATIDYL-BETA-OLEOYL-GAMMA-PALMITOYL-PHOSPHATIDYLETHANOLAMINE 'C39 H68 N O8 P'
#
# COMPACT_ATOMS: atom_id res chain seq x y z
N ALA A 1 -22.64 15.28 7.04
CA ALA A 1 -21.56 14.67 7.86
C ALA A 1 -21.28 15.50 9.12
N ALA A 2 -20.83 14.82 10.16
CA ALA A 2 -20.49 15.47 11.42
C ALA A 2 -18.98 15.63 11.47
N VAL A 3 -18.48 16.58 12.27
CA VAL A 3 -17.04 16.80 12.39
C VAL A 3 -16.38 15.42 12.39
N GLN A 4 -15.75 15.08 11.28
CA GLN A 4 -15.13 13.77 11.16
C GLN A 4 -13.97 13.49 12.11
N GLU A 5 -14.02 12.30 12.70
CA GLU A 5 -13.03 11.83 13.65
C GLU A 5 -12.21 10.71 13.03
N LEU A 6 -10.93 10.65 13.38
CA LEU A 6 -10.06 9.59 12.89
C LEU A 6 -10.38 8.36 13.76
N SER A 7 -11.21 7.46 13.24
CA SER A 7 -11.61 6.27 13.98
C SER A 7 -11.71 5.04 13.06
N ILE A 8 -11.72 3.84 13.66
CA ILE A 8 -11.82 2.61 12.87
C ILE A 8 -13.12 2.59 12.06
N GLU A 9 -14.20 3.04 12.69
CA GLU A 9 -15.50 3.05 12.00
C GLU A 9 -15.45 3.90 10.73
N ARG A 10 -14.86 5.09 10.82
CA ARG A 10 -14.77 5.97 9.67
C ARG A 10 -13.85 5.40 8.58
N LEU A 11 -12.75 4.76 8.97
CA LEU A 11 -11.85 4.17 7.99
C LEU A 11 -12.57 3.02 7.27
N LEU A 12 -13.42 2.30 8.00
CA LEU A 12 -14.14 1.19 7.36
C LEU A 12 -15.12 1.75 6.34
N GLU A 13 -15.74 2.89 6.66
CA GLU A 13 -16.67 3.51 5.73
C GLU A 13 -15.90 3.95 4.49
N MET A 14 -14.69 4.48 4.69
CA MET A 14 -13.87 4.96 3.58
C MET A 14 -13.31 3.87 2.66
N GLU A 15 -13.12 2.68 3.21
CA GLU A 15 -12.55 1.55 2.49
C GLU A 15 -13.50 1.05 1.42
N SER A 16 -14.80 1.16 1.70
CA SER A 16 -15.84 0.72 0.78
C SER A 16 -16.17 1.73 -0.32
N LEU A 17 -15.92 3.00 -0.06
CA LEU A 17 -16.20 4.05 -1.03
C LEU A 17 -15.43 3.83 -2.33
N VAL A 18 -16.11 4.12 -3.43
CA VAL A 18 -15.54 4.01 -4.76
C VAL A 18 -15.83 5.34 -5.45
N ALA A 19 -14.81 6.18 -5.57
CA ALA A 19 -14.98 7.48 -6.18
C ALA A 19 -14.80 7.42 -7.68
N ASP A 20 -15.36 8.39 -8.39
CA ASP A 20 -15.22 8.45 -9.83
C ASP A 20 -13.72 8.42 -10.10
N PRO A 21 -13.29 7.50 -10.95
CA PRO A 21 -11.89 7.36 -11.28
C PRO A 21 -11.25 8.71 -11.56
N SER A 22 -10.46 9.20 -10.61
CA SER A 22 -9.78 10.49 -10.77
C SER A 22 -8.76 10.36 -11.90
N GLU A 23 -8.56 11.43 -12.67
CA GLU A 23 -7.59 11.40 -13.77
C GLU A 23 -6.30 10.87 -13.18
N GLU A 24 -5.72 9.84 -13.80
CA GLU A 24 -4.51 9.28 -13.26
C GLU A 24 -3.22 9.61 -14.00
N PHE A 25 -2.17 9.73 -13.20
CA PHE A 25 -0.86 10.08 -13.70
C PHE A 25 0.00 8.84 -13.83
N GLN A 26 1.01 8.95 -14.67
CA GLN A 26 1.93 7.86 -14.97
C GLN A 26 2.99 7.58 -13.91
N PHE A 27 2.61 7.12 -12.72
CA PHE A 27 3.61 6.79 -11.70
C PHE A 27 4.45 5.64 -12.21
N LEU A 28 3.77 4.71 -12.86
CA LEU A 28 4.40 3.51 -13.37
C LEU A 28 4.17 3.45 -14.88
N ARG A 29 5.23 3.16 -15.62
CA ARG A 29 5.10 3.09 -17.06
C ARG A 29 6.27 2.45 -17.75
N VAL A 30 5.96 1.87 -18.90
CA VAL A 30 6.96 1.25 -19.76
C VAL A 30 7.33 2.36 -20.75
N GLY A 31 8.55 2.89 -20.63
CA GLY A 31 9.00 3.97 -21.49
C GLY A 31 10.13 3.55 -22.39
N PRO A 32 10.80 4.49 -23.07
CA PRO A 32 11.90 4.16 -23.97
C PRO A 32 13.14 3.67 -23.24
N ASP A 33 13.18 3.88 -21.93
CA ASP A 33 14.33 3.44 -21.15
C ASP A 33 14.10 2.08 -20.50
N SER A 34 12.90 1.53 -20.65
N SER A 34 12.90 1.53 -20.65
CA SER A 34 12.53 0.24 -20.06
CA SER A 34 12.58 0.24 -20.06
C SER A 34 13.08 -0.97 -20.83
C SER A 34 13.17 -0.93 -20.85
N ASN A 35 13.88 -1.82 -20.16
CA ASN A 35 14.45 -2.98 -20.85
C ASN A 35 13.48 -4.15 -21.15
N VAL A 36 12.20 -3.91 -20.99
CA VAL A 36 11.20 -4.94 -21.25
C VAL A 36 11.21 -5.25 -22.76
N PRO A 37 11.37 -6.53 -23.12
CA PRO A 37 11.39 -6.93 -24.53
C PRO A 37 10.09 -6.57 -25.18
N PRO A 38 10.11 -6.21 -26.47
CA PRO A 38 8.88 -5.85 -27.18
C PRO A 38 7.74 -6.79 -26.91
N LYS A 39 7.99 -8.09 -26.93
CA LYS A 39 6.91 -9.03 -26.71
C LYS A 39 6.22 -8.98 -25.34
N PHE A 40 6.88 -8.37 -24.35
CA PHE A 40 6.27 -8.26 -23.03
C PHE A 40 5.85 -6.84 -22.69
N ARG A 41 6.08 -5.91 -23.60
CA ARG A 41 5.74 -4.52 -23.32
C ARG A 41 4.26 -4.27 -23.11
N ALA A 42 3.40 -4.84 -23.95
CA ALA A 42 1.96 -4.63 -23.74
C ALA A 42 1.50 -5.16 -22.38
N PRO A 43 1.87 -6.39 -22.02
CA PRO A 43 1.40 -6.83 -20.70
C PRO A 43 1.99 -6.08 -19.51
N VAL A 44 3.26 -5.71 -19.59
CA VAL A 44 3.85 -4.99 -18.46
C VAL A 44 3.21 -3.61 -18.36
N SER A 45 2.94 -3.00 -19.51
N SER A 45 2.94 -3.00 -19.52
CA SER A 45 2.30 -1.69 -19.51
CA SER A 45 2.31 -1.69 -19.55
C SER A 45 0.91 -1.80 -18.89
C SER A 45 0.92 -1.79 -18.92
N SER A 46 0.22 -2.88 -19.20
CA SER A 46 -1.11 -3.10 -18.64
C SER A 46 -1.03 -3.20 -17.11
N LEU A 47 0.00 -3.88 -16.62
CA LEU A 47 0.18 -4.00 -15.17
C LEU A 47 0.48 -2.63 -14.55
N CYS A 48 1.29 -1.83 -15.24
CA CYS A 48 1.59 -0.49 -14.74
C CYS A 48 0.33 0.35 -14.67
N GLN A 49 -0.56 0.17 -15.64
CA GLN A 49 -1.81 0.94 -15.68
C GLN A 49 -2.73 0.53 -14.53
N ILE A 50 -2.71 -0.75 -14.18
CA ILE A 50 -3.51 -1.26 -13.08
C ILE A 50 -2.94 -0.60 -11.82
N GLY A 51 -1.63 -0.53 -11.74
CA GLY A 51 -1.00 0.10 -10.60
C GLY A 51 -1.35 1.58 -10.49
N ASN A 52 -1.29 2.30 -11.60
CA ASN A 52 -1.61 3.72 -11.62
C ASN A 52 -3.03 4.02 -11.16
N LYS A 53 -3.96 3.14 -11.52
CA LYS A 53 -5.35 3.31 -11.10
C LYS A 53 -5.44 3.14 -9.59
N GLN A 54 -4.73 2.14 -9.06
CA GLN A 54 -4.78 1.92 -7.61
C GLN A 54 -4.11 3.08 -6.86
N ILE A 55 -3.09 3.66 -7.45
CA ILE A 55 -2.40 4.79 -6.80
C ILE A 55 -3.32 6.01 -6.82
N ALA A 56 -4.04 6.20 -7.91
CA ALA A 56 -4.98 7.31 -8.00
C ALA A 56 -6.01 7.19 -6.87
N ALA A 57 -6.52 5.97 -6.69
CA ALA A 57 -7.51 5.70 -5.65
C ALA A 57 -6.89 5.99 -4.29
N LEU A 58 -5.62 5.62 -4.12
CA LEU A 58 -4.96 5.90 -2.83
C LEU A 58 -4.90 7.38 -2.53
N VAL A 59 -4.63 8.19 -3.55
CA VAL A 59 -4.56 9.62 -3.34
C VAL A 59 -5.90 10.16 -2.88
N VAL A 60 -6.98 9.72 -3.53
CA VAL A 60 -8.32 10.16 -3.17
C VAL A 60 -8.64 9.75 -1.74
N TRP A 61 -8.21 8.55 -1.37
CA TRP A 61 -8.43 8.01 -0.04
C TRP A 61 -7.65 8.83 1.00
N ALA A 62 -6.38 9.08 0.73
CA ALA A 62 -5.57 9.84 1.70
C ALA A 62 -6.18 11.20 1.97
N ARG A 63 -6.50 11.89 0.88
CA ARG A 63 -7.10 13.23 0.95
C ARG A 63 -8.33 13.24 1.86
N ASP A 64 -9.05 12.13 1.95
CA ASP A 64 -10.25 12.08 2.78
C ASP A 64 -10.04 11.58 4.21
N ILE A 65 -8.82 11.20 4.55
CA ILE A 65 -8.52 10.76 5.91
C ILE A 65 -8.74 11.98 6.82
N PRO A 66 -9.55 11.81 7.88
CA PRO A 66 -9.79 12.95 8.78
C PRO A 66 -8.51 13.70 9.16
N HIS A 67 -8.53 15.02 8.98
CA HIS A 67 -7.42 15.92 9.31
C HIS A 67 -6.24 15.95 8.33
N PHE A 68 -6.20 15.02 7.38
CA PHE A 68 -5.08 14.97 6.45
C PHE A 68 -4.97 16.23 5.61
N SER A 69 -6.09 16.72 5.09
N SER A 69 -6.10 16.72 5.11
CA SER A 69 -6.06 17.94 4.28
CA SER A 69 -6.13 17.94 4.29
C SER A 69 -5.69 19.17 5.09
C SER A 69 -5.68 19.16 5.09
N GLN A 70 -5.75 19.06 6.41
CA GLN A 70 -5.36 20.18 7.28
C GLN A 70 -3.85 20.34 7.37
N LEU A 71 -3.13 19.27 7.03
CA LEU A 71 -1.67 19.29 7.05
C LEU A 71 -1.15 20.20 5.92
N GLU A 72 0.04 20.74 6.10
CA GLU A 72 0.65 21.59 5.09
C GLU A 72 0.66 20.75 3.80
N MET A 73 0.34 21.36 2.68
CA MET A 73 0.30 20.67 1.41
C MET A 73 1.57 19.92 1.06
N GLU A 74 2.71 20.56 1.24
CA GLU A 74 3.96 19.91 0.92
C GLU A 74 4.18 18.68 1.80
N ASP A 75 3.58 18.66 2.99
CA ASP A 75 3.74 17.48 3.85
C ASP A 75 2.81 16.36 3.34
N GLN A 76 1.61 16.74 2.88
CA GLN A 76 0.67 15.77 2.35
C GLN A 76 1.37 15.03 1.21
N ILE A 77 2.01 15.80 0.33
CA ILE A 77 2.72 15.23 -0.80
C ILE A 77 3.82 14.26 -0.34
N LEU A 78 4.62 14.66 0.63
CA LEU A 78 5.66 13.77 1.08
C LEU A 78 5.12 12.50 1.70
N LEU A 79 4.03 12.59 2.44
CA LEU A 79 3.49 11.38 3.08
C LEU A 79 3.00 10.38 2.03
N ILE A 80 2.29 10.89 1.01
CA ILE A 80 1.80 10.01 -0.06
C ILE A 80 2.97 9.48 -0.88
N LYS A 81 3.93 10.35 -1.21
CA LYS A 81 5.08 9.90 -2.01
C LYS A 81 5.84 8.81 -1.26
N GLY A 82 5.92 8.95 0.07
CA GLY A 82 6.66 7.97 0.82
C GLY A 82 5.94 6.67 1.10
N SER A 83 4.62 6.64 0.98
CA SER A 83 3.88 5.42 1.31
C SER A 83 3.13 4.73 0.18
N TRP A 84 3.03 5.33 -1.00
CA TRP A 84 2.24 4.67 -2.05
C TRP A 84 2.68 3.25 -2.37
N ASN A 85 3.99 3.04 -2.43
CA ASN A 85 4.50 1.72 -2.77
C ASN A 85 4.20 0.72 -1.67
N GLU A 86 4.42 1.12 -0.41
CA GLU A 86 4.09 0.22 0.71
C GLU A 86 2.59 -0.14 0.71
N LEU A 87 1.74 0.86 0.49
CA LEU A 87 0.30 0.66 0.50
C LEU A 87 -0.12 -0.26 -0.64
N LEU A 88 0.51 -0.12 -1.80
CA LEU A 88 0.15 -1.04 -2.91
C LEU A 88 0.50 -2.48 -2.55
N LEU A 89 1.71 -2.67 -1.99
CA LEU A 89 2.14 -4.01 -1.62
C LEU A 89 1.28 -4.57 -0.49
N PHE A 90 0.86 -3.71 0.44
CA PHE A 90 0.07 -4.15 1.56
C PHE A 90 -1.29 -4.65 1.06
N ALA A 91 -1.84 -3.94 0.08
CA ALA A 91 -3.14 -4.33 -0.51
C ALA A 91 -3.00 -5.65 -1.29
N ILE A 92 -1.89 -5.81 -2.02
CA ILE A 92 -1.64 -7.05 -2.76
C ILE A 92 -1.56 -8.19 -1.74
N ALA A 93 -0.86 -7.99 -0.64
CA ALA A 93 -0.78 -9.06 0.36
C ALA A 93 -2.16 -9.39 0.93
N TRP A 94 -2.97 -8.38 1.21
CA TRP A 94 -4.30 -8.59 1.78
C TRP A 94 -5.18 -9.39 0.82
N ARG A 95 -5.15 -9.00 -0.45
CA ARG A 95 -5.99 -9.71 -1.44
C ARG A 95 -5.48 -11.10 -1.73
N SER A 96 -4.18 -11.31 -1.55
CA SER A 96 -3.59 -12.60 -1.85
C SER A 96 -3.86 -13.67 -0.80
N MET A 97 -4.35 -13.27 0.38
CA MET A 97 -4.61 -14.27 1.40
C MET A 97 -5.58 -15.37 0.94
N GLU A 98 -6.57 -15.01 0.15
CA GLU A 98 -7.58 -15.98 -0.30
C GLU A 98 -7.09 -17.04 -1.24
N PHE A 99 -5.92 -16.82 -1.85
CA PHE A 99 -5.36 -17.78 -2.77
C PHE A 99 -4.30 -18.67 -2.13
N LEU A 100 -4.12 -18.54 -0.82
CA LEU A 100 -3.17 -19.36 -0.10
C LEU A 100 -3.77 -20.74 0.08
N THR A 101 -2.93 -21.76 -0.09
CA THR A 101 -3.35 -23.14 0.06
C THR A 101 -3.90 -23.34 1.47
N GLU A 102 -4.94 -24.17 1.59
CA GLU A 102 -5.55 -24.45 2.88
C GLU A 102 -4.48 -24.85 3.90
N GLU A 103 -4.64 -24.38 5.14
CA GLU A 103 -3.71 -24.67 6.22
C GLU A 103 -3.60 -26.18 6.47
N THR A 114 6.00 -28.80 5.67
CA THR A 114 5.27 -28.19 4.51
C THR A 114 5.54 -26.68 4.44
N THR A 115 6.29 -26.27 3.42
CA THR A 115 6.63 -24.87 3.22
C THR A 115 6.66 -24.56 1.73
N SER A 116 5.85 -25.31 0.97
CA SER A 116 5.75 -25.15 -0.48
C SER A 116 5.34 -23.70 -0.73
N PRO A 117 6.16 -22.95 -1.50
N PRO A 117 6.15 -22.96 -1.52
CA PRO A 117 5.86 -21.55 -1.80
CA PRO A 117 5.84 -21.56 -1.81
C PRO A 117 4.53 -21.34 -2.52
C PRO A 117 4.51 -21.34 -2.52
N PRO A 118 3.69 -20.41 -2.01
CA PRO A 118 2.38 -20.08 -2.60
C PRO A 118 2.63 -19.70 -4.06
N GLN A 119 1.71 -20.06 -4.95
CA GLN A 119 1.91 -19.80 -6.37
C GLN A 119 1.16 -18.63 -6.99
N LEU A 120 0.16 -18.08 -6.31
CA LEU A 120 -0.63 -16.98 -6.88
C LEU A 120 -0.66 -15.70 -6.09
N MET A 121 -0.44 -14.59 -6.79
CA MET A 121 -0.48 -13.29 -6.16
C MET A 121 -1.66 -12.52 -6.76
N CYS A 122 -2.47 -11.88 -5.92
CA CYS A 122 -3.62 -11.14 -6.43
C CYS A 122 -3.32 -9.64 -6.58
N LEU A 123 -3.16 -9.21 -7.82
CA LEU A 123 -2.87 -7.81 -8.08
C LEU A 123 -4.12 -6.95 -8.04
N MET A 124 -5.29 -7.57 -8.27
CA MET A 124 -6.60 -6.92 -8.24
C MET A 124 -7.64 -8.04 -8.44
N PRO A 125 -8.93 -7.78 -8.15
CA PRO A 125 -9.97 -8.82 -8.33
C PRO A 125 -10.01 -9.31 -9.79
N GLY A 126 -9.89 -10.63 -10.00
CA GLY A 126 -9.91 -11.18 -11.34
C GLY A 126 -8.58 -11.08 -12.10
N MET A 127 -7.51 -10.87 -11.33
CA MET A 127 -6.20 -10.76 -11.92
C MET A 127 -5.18 -11.31 -10.94
N THR A 128 -4.60 -12.44 -11.28
CA THR A 128 -3.57 -13.03 -10.45
C THR A 128 -2.28 -13.15 -11.25
N LEU A 129 -1.17 -13.03 -10.56
CA LEU A 129 0.12 -13.19 -11.18
C LEU A 129 0.63 -14.52 -10.68
N HIS A 130 1.00 -15.41 -11.60
CA HIS A 130 1.48 -16.73 -11.21
C HIS A 130 2.98 -16.61 -10.91
N ARG A 131 3.43 -17.39 -9.93
CA ARG A 131 4.82 -17.41 -9.50
C ARG A 131 5.79 -17.64 -10.67
N ASN A 132 5.41 -18.49 -11.61
CA ASN A 132 6.29 -18.74 -12.75
C ASN A 132 6.57 -17.49 -13.59
N SER A 133 5.59 -16.58 -13.68
CA SER A 133 5.80 -15.36 -14.43
C SER A 133 6.74 -14.46 -13.65
N ALA A 134 6.59 -14.46 -12.33
CA ALA A 134 7.45 -13.68 -11.46
C ALA A 134 8.90 -14.17 -11.61
N LEU A 135 9.07 -15.50 -11.64
CA LEU A 135 10.39 -16.08 -11.79
C LEU A 135 11.02 -15.70 -13.11
N GLN A 136 10.20 -15.75 -14.15
CA GLN A 136 10.69 -15.46 -15.48
C GLN A 136 11.13 -14.01 -15.61
N ALA A 137 10.41 -13.11 -14.92
CA ALA A 137 10.73 -11.70 -14.96
C ALA A 137 11.92 -11.34 -14.07
N GLY A 138 12.37 -12.28 -13.25
CA GLY A 138 13.51 -12.05 -12.37
C GLY A 138 13.16 -11.50 -10.99
N VAL A 139 11.90 -11.57 -10.61
CA VAL A 139 11.44 -11.04 -9.32
C VAL A 139 10.83 -12.10 -8.42
N GLY A 140 11.28 -13.35 -8.58
CA GLY A 140 10.72 -14.41 -7.76
C GLY A 140 10.99 -14.26 -6.28
N GLN A 141 12.16 -13.73 -5.94
N GLN A 141 12.16 -13.73 -5.92
CA GLN A 141 12.49 -13.55 -4.53
CA GLN A 141 12.45 -13.59 -4.51
C GLN A 141 11.51 -12.62 -3.81
C GLN A 141 11.49 -12.62 -3.81
N ILE A 142 11.27 -11.45 -4.38
CA ILE A 142 10.35 -10.51 -3.75
C ILE A 142 8.90 -11.05 -3.76
N PHE A 143 8.54 -11.79 -4.81
CA PHE A 143 7.21 -12.37 -4.89
C PHE A 143 7.03 -13.28 -3.69
N ASP A 144 8.04 -14.13 -3.43
CA ASP A 144 7.93 -15.03 -2.29
C ASP A 144 7.89 -14.27 -0.96
N ARG A 145 8.63 -13.17 -0.84
CA ARG A 145 8.63 -12.37 0.41
C ARG A 145 7.25 -11.80 0.65
N VAL A 146 6.64 -11.27 -0.40
CA VAL A 146 5.30 -10.71 -0.21
C VAL A 146 4.34 -11.79 0.30
N LEU A 147 4.34 -12.95 -0.33
CA LEU A 147 3.39 -13.97 0.08
C LEU A 147 3.69 -14.65 1.42
N SER A 148 4.97 -14.68 1.82
CA SER A 148 5.30 -15.34 3.08
C SER A 148 5.41 -14.39 4.28
N GLU A 149 6.05 -13.25 4.10
CA GLU A 149 6.22 -12.31 5.22
C GLU A 149 5.00 -11.45 5.45
N LEU A 150 4.17 -11.30 4.42
CA LEU A 150 2.97 -10.50 4.59
C LEU A 150 1.68 -11.32 4.53
N SER A 151 1.35 -11.87 3.36
N SER A 151 1.39 -11.88 3.36
CA SER A 151 0.10 -12.62 3.25
CA SER A 151 0.17 -12.62 3.21
C SER A 151 -0.04 -13.77 4.24
C SER A 151 -0.02 -13.75 4.21
N LEU A 152 0.91 -14.69 4.24
CA LEU A 152 0.83 -15.82 5.15
C LEU A 152 0.79 -15.39 6.61
N LYS A 153 1.67 -14.47 7.02
CA LYS A 153 1.65 -14.01 8.40
C LYS A 153 0.31 -13.42 8.77
N MET A 154 -0.29 -12.63 7.87
CA MET A 154 -1.57 -12.02 8.16
C MET A 154 -2.72 -13.01 8.22
N ARG A 155 -2.61 -14.10 7.47
CA ARG A 155 -3.67 -15.07 7.54
C ARG A 155 -3.54 -15.80 8.87
N THR A 156 -2.31 -16.08 9.27
CA THR A 156 -2.08 -16.78 10.54
C THR A 156 -2.54 -15.93 11.72
N LEU A 157 -2.38 -14.62 11.62
CA LEU A 157 -2.78 -13.70 12.68
C LEU A 157 -4.27 -13.39 12.59
N ARG A 158 -4.92 -13.87 11.53
CA ARG A 158 -6.34 -13.61 11.33
C ARG A 158 -6.64 -12.11 11.34
N VAL A 159 -5.78 -11.33 10.69
CA VAL A 159 -6.00 -9.90 10.63
C VAL A 159 -7.37 -9.67 9.98
N ASP A 160 -8.21 -8.85 10.60
CA ASP A 160 -9.52 -8.56 10.02
C ASP A 160 -9.57 -7.23 9.29
N GLN A 161 -10.71 -6.92 8.67
CA GLN A 161 -10.86 -5.69 7.91
C GLN A 161 -10.57 -4.45 8.75
N ALA A 162 -11.06 -4.42 9.98
CA ALA A 162 -10.83 -3.26 10.87
C ALA A 162 -9.33 -3.01 11.13
N GLU A 163 -8.59 -4.07 11.38
CA GLU A 163 -7.16 -3.95 11.65
C GLU A 163 -6.44 -3.55 10.37
N TYR A 164 -6.86 -4.15 9.25
CA TYR A 164 -6.24 -3.82 7.96
C TYR A 164 -6.35 -2.32 7.62
N VAL A 165 -7.53 -1.73 7.76
CA VAL A 165 -7.68 -0.32 7.43
C VAL A 165 -6.94 0.57 8.44
N ALA A 166 -6.86 0.14 9.70
CA ALA A 166 -6.15 0.91 10.72
C ALA A 166 -4.66 0.92 10.35
N LEU A 167 -4.13 -0.24 9.97
CA LEU A 167 -2.73 -0.33 9.58
C LEU A 167 -2.47 0.52 8.33
N LYS A 168 -3.39 0.55 7.38
CA LYS A 168 -3.20 1.40 6.20
C LYS A 168 -3.02 2.87 6.63
N ALA A 169 -3.88 3.33 7.54
CA ALA A 169 -3.78 4.72 7.98
C ALA A 169 -2.43 4.94 8.67
N ILE A 170 -2.01 3.96 9.47
CA ILE A 170 -0.71 4.10 10.17
C ILE A 170 0.45 4.15 9.18
N ILE A 171 0.38 3.35 8.09
CA ILE A 171 1.44 3.34 7.09
C ILE A 171 1.55 4.72 6.42
N LEU A 172 0.40 5.31 6.11
CA LEU A 172 0.35 6.62 5.49
C LEU A 172 0.91 7.71 6.42
N LEU A 173 0.42 7.70 7.65
CA LEU A 173 0.78 8.74 8.61
C LEU A 173 2.07 8.43 9.33
N ASN A 174 3.14 8.40 8.55
CA ASN A 174 4.50 8.10 9.03
C ASN A 174 5.28 9.37 9.37
N PRO A 175 5.47 9.67 10.66
CA PRO A 175 6.21 10.89 11.00
C PRO A 175 7.70 10.85 10.69
N ASP A 176 8.21 9.67 10.35
CA ASP A 176 9.63 9.55 10.05
C ASP A 176 10.03 9.82 8.60
N VAL A 177 9.05 10.24 7.80
CA VAL A 177 9.32 10.60 6.42
C VAL A 177 10.23 11.82 6.51
N LYS A 178 11.33 11.77 5.77
CA LYS A 178 12.29 12.87 5.79
C LYS A 178 11.75 14.08 5.02
N GLY A 179 11.99 15.29 5.55
CA GLY A 179 11.53 16.49 4.86
C GLY A 179 10.24 17.16 5.33
N LEU A 180 9.52 16.53 6.26
CA LEU A 180 8.28 17.10 6.76
C LEU A 180 8.51 18.46 7.42
N LYS A 181 7.58 19.38 7.19
CA LYS A 181 7.68 20.71 7.78
C LYS A 181 7.13 20.66 9.20
N ASN A 182 5.99 19.98 9.38
CA ASN A 182 5.36 19.88 10.70
C ASN A 182 5.21 18.42 11.13
N ARG A 183 6.33 17.82 11.48
CA ARG A 183 6.36 16.42 11.88
C ARG A 183 5.44 16.11 13.06
N GLN A 184 5.37 17.01 14.04
CA GLN A 184 4.52 16.76 15.20
C GLN A 184 3.05 16.58 14.83
N GLU A 185 2.58 17.30 13.81
CA GLU A 185 1.18 17.15 13.41
C GLU A 185 0.92 15.73 12.87
N VAL A 186 1.93 15.14 12.23
CA VAL A 186 1.77 13.77 11.71
C VAL A 186 1.87 12.77 12.86
N GLU A 187 2.77 13.04 13.79
CA GLU A 187 2.91 12.15 14.93
C GLU A 187 1.62 12.05 15.70
N VAL A 188 0.94 13.19 15.88
CA VAL A 188 -0.31 13.22 16.61
C VAL A 188 -1.37 12.36 15.91
N LEU A 189 -1.42 12.44 14.59
CA LEU A 189 -2.42 11.65 13.87
C LEU A 189 -2.10 10.17 13.98
N ARG A 190 -0.81 9.83 13.87
N ARG A 190 -0.83 9.82 13.87
CA ARG A 190 -0.44 8.41 13.99
CA ARG A 190 -0.54 8.40 13.99
C ARG A 190 -0.71 7.93 15.42
C ARG A 190 -0.87 7.97 15.42
N GLU A 191 -0.53 8.81 16.40
CA GLU A 191 -0.80 8.45 17.80
C GLU A 191 -2.30 8.23 17.99
N LYS A 192 -3.13 9.04 17.33
CA LYS A 192 -4.57 8.84 17.40
C LYS A 192 -4.89 7.43 16.89
N MET A 193 -4.22 7.02 15.81
CA MET A 193 -4.46 5.68 15.25
C MET A 193 -4.00 4.56 16.11
N PHE A 194 -2.85 4.73 16.79
CA PHE A 194 -2.34 3.71 17.69
C PHE A 194 -3.36 3.50 18.81
N LEU A 195 -3.88 4.59 19.37
CA LEU A 195 -4.88 4.48 20.45
C LEU A 195 -6.15 3.78 19.92
N CYS A 196 -6.58 4.14 18.72
CA CYS A 196 -7.77 3.53 18.12
C CYS A 196 -7.56 2.04 17.93
N LEU A 197 -6.41 1.68 17.39
CA LEU A 197 -6.16 0.27 17.14
C LEU A 197 -6.01 -0.56 18.39
N ASP A 198 -5.28 -0.05 19.37
CA ASP A 198 -5.08 -0.76 20.61
C ASP A 198 -6.44 -1.03 21.27
N GLU A 199 -7.29 -0.02 21.27
CA GLU A 199 -8.63 -0.13 21.85
C GLU A 199 -9.43 -1.22 21.16
N TYR A 200 -9.37 -1.23 19.83
CA TYR A 200 -10.09 -2.22 19.06
C TYR A 200 -9.65 -3.62 19.40
N CYS A 201 -8.34 -3.83 19.45
CA CYS A 201 -7.82 -5.15 19.79
C CYS A 201 -8.27 -5.59 21.18
N ARG A 202 -8.24 -4.67 22.13
CA ARG A 202 -8.62 -5.02 23.48
C ARG A 202 -10.11 -5.35 23.61
N ARG A 203 -10.94 -4.61 22.91
CA ARG A 203 -12.39 -4.84 22.95
C ARG A 203 -12.83 -6.03 22.10
N SER A 204 -12.37 -6.06 20.86
CA SER A 204 -12.75 -7.11 19.89
C SER A 204 -11.96 -8.42 19.94
N ARG A 205 -10.84 -8.42 20.62
CA ARG A 205 -10.03 -9.62 20.73
C ARG A 205 -9.29 -9.60 22.06
N SER A 206 -10.05 -9.37 23.12
CA SER A 206 -9.52 -9.29 24.48
C SER A 206 -8.69 -10.50 24.90
N SER A 207 -9.06 -11.68 24.42
CA SER A 207 -8.37 -12.91 24.76
C SER A 207 -6.99 -13.02 24.13
N GLU A 208 -6.68 -12.12 23.20
CA GLU A 208 -5.39 -12.15 22.53
C GLU A 208 -4.45 -11.07 23.01
N GLU A 209 -3.70 -11.38 24.05
CA GLU A 209 -2.76 -10.45 24.62
C GLU A 209 -1.60 -10.27 23.65
N GLY A 210 -1.17 -9.03 23.49
CA GLY A 210 -0.06 -8.73 22.59
C GLY A 210 -0.44 -8.65 21.11
N ARG A 211 -1.74 -8.67 20.80
CA ARG A 211 -2.18 -8.61 19.41
C ARG A 211 -1.78 -7.31 18.72
N PHE A 212 -1.95 -6.21 19.43
CA PHE A 212 -1.61 -4.89 18.92
C PHE A 212 -0.13 -4.87 18.51
N ALA A 213 0.74 -5.35 19.39
CA ALA A 213 2.16 -5.37 19.09
C ALA A 213 2.49 -6.29 17.90
N ALA A 214 1.75 -7.39 17.78
CA ALA A 214 1.97 -8.34 16.69
C ALA A 214 1.63 -7.67 15.37
N LEU A 215 0.52 -6.95 15.34
CA LEU A 215 0.10 -6.26 14.12
C LEU A 215 1.17 -5.26 13.68
N LEU A 216 1.72 -4.50 14.62
CA LEU A 216 2.70 -3.50 14.23
C LEU A 216 3.99 -4.09 13.66
N LEU A 217 4.28 -5.36 13.97
CA LEU A 217 5.48 -5.98 13.45
C LEU A 217 5.45 -6.14 11.93
N ARG A 218 4.27 -6.09 11.33
CA ARG A 218 4.21 -6.25 9.89
C ARG A 218 4.75 -5.00 9.20
N LEU A 219 4.78 -3.87 9.89
CA LEU A 219 5.26 -2.65 9.23
C LEU A 219 6.74 -2.62 8.83
N PRO A 220 7.66 -3.03 9.70
CA PRO A 220 9.05 -2.98 9.25
C PRO A 220 9.29 -3.94 8.06
N ALA A 221 8.55 -5.04 8.02
CA ALA A 221 8.67 -6.01 6.92
C ALA A 221 8.19 -5.34 5.64
N LEU A 222 7.05 -4.66 5.70
CA LEU A 222 6.51 -3.95 4.54
C LEU A 222 7.50 -2.90 4.04
N ARG A 223 8.13 -2.17 4.96
CA ARG A 223 9.11 -1.16 4.58
C ARG A 223 10.31 -1.76 3.85
N SER A 224 10.76 -2.92 4.31
CA SER A 224 11.91 -3.59 3.70
C SER A 224 11.56 -4.12 2.31
N ILE A 225 10.36 -4.67 2.19
CA ILE A 225 9.90 -5.21 0.90
C ILE A 225 9.72 -4.05 -0.07
N SER A 226 9.19 -2.93 0.39
CA SER A 226 9.04 -1.76 -0.49
C SER A 226 10.39 -1.28 -1.04
N LEU A 227 11.43 -1.26 -0.21
CA LEU A 227 12.70 -0.83 -0.75
C LEU A 227 13.16 -1.78 -1.85
N LYS A 228 12.94 -3.07 -1.66
CA LYS A 228 13.33 -4.03 -2.69
C LYS A 228 12.50 -3.84 -3.96
N SER A 229 11.23 -3.46 -3.78
N SER A 229 11.23 -3.49 -3.81
CA SER A 229 10.34 -3.21 -4.92
CA SER A 229 10.41 -3.28 -5.01
C SER A 229 10.94 -2.10 -5.76
C SER A 229 10.98 -2.10 -5.79
N PHE A 230 11.44 -1.06 -5.09
CA PHE A 230 12.02 0.09 -5.80
C PHE A 230 13.29 -0.30 -6.53
N GLU A 231 14.07 -1.22 -5.95
CA GLU A 231 15.28 -1.68 -6.61
C GLU A 231 14.89 -2.22 -7.97
N HIS A 232 13.82 -3.03 -8.00
CA HIS A 232 13.34 -3.60 -9.27
C HIS A 232 12.75 -2.55 -10.21
N LEU A 233 11.89 -1.68 -9.70
CA LEU A 233 11.30 -0.64 -10.54
C LEU A 233 12.40 0.23 -11.17
N PHE A 234 13.46 0.54 -10.42
CA PHE A 234 14.52 1.34 -11.02
C PHE A 234 15.30 0.53 -12.04
N PHE A 235 15.57 -0.74 -11.73
CA PHE A 235 16.33 -1.59 -12.64
C PHE A 235 15.68 -1.74 -14.00
N PHE A 236 14.36 -1.90 -14.01
CA PHE A 236 13.59 -2.03 -15.25
C PHE A 236 13.08 -0.69 -15.81
N HIS A 237 13.43 0.40 -15.14
CA HIS A 237 13.01 1.77 -15.52
C HIS A 237 11.51 1.86 -15.71
N LEU A 238 10.77 1.44 -14.70
CA LEU A 238 9.32 1.44 -14.75
C LEU A 238 8.67 2.49 -13.85
N VAL A 239 9.46 3.27 -13.14
CA VAL A 239 8.89 4.27 -12.22
C VAL A 239 9.30 5.71 -12.53
N ALA A 240 8.31 6.61 -12.54
CA ALA A 240 8.51 8.02 -12.86
C ALA A 240 8.96 8.81 -11.65
N ASP A 241 10.08 8.39 -11.09
CA ASP A 241 10.69 8.95 -9.89
C ASP A 241 10.64 10.47 -9.72
N THR A 242 11.23 11.19 -10.66
CA THR A 242 11.29 12.65 -10.56
C THR A 242 9.98 13.40 -10.81
N SER A 243 8.99 12.74 -11.37
CA SER A 243 7.69 13.35 -11.68
C SER A 243 6.58 13.09 -10.66
N ILE A 244 6.77 12.08 -9.81
CA ILE A 244 5.76 11.72 -8.84
C ILE A 244 5.26 12.80 -7.88
N ALA A 245 6.16 13.58 -7.30
CA ALA A 245 5.77 14.64 -6.38
C ALA A 245 4.76 15.57 -7.10
N GLY A 246 5.06 15.89 -8.36
CA GLY A 246 4.17 16.74 -9.16
C GLY A 246 2.83 16.11 -9.45
N TYR A 247 2.81 14.80 -9.72
CA TYR A 247 1.54 14.12 -9.98
C TYR A 247 0.67 14.20 -8.74
N ILE A 248 1.28 14.00 -7.58
CA ILE A 248 0.53 14.04 -6.33
C ILE A 248 0.04 15.47 -6.08
N ARG A 249 0.92 16.45 -6.28
CA ARG A 249 0.55 17.84 -6.07
C ARG A 249 -0.69 18.14 -6.93
N ASP A 250 -0.62 17.79 -8.22
CA ASP A 250 -1.74 18.03 -9.13
C ASP A 250 -2.98 17.22 -8.75
N ALA A 251 -2.78 15.97 -8.37
CA ALA A 251 -3.91 15.12 -7.99
C ALA A 251 -4.61 15.61 -6.73
N LEU A 252 -3.86 16.22 -5.82
CA LEU A 252 -4.42 16.71 -4.57
C LEU A 252 -5.30 17.94 -4.75
N ARG A 253 -4.88 18.87 -5.60
CA ARG A 253 -5.68 20.06 -5.88
C ARG A 253 -6.82 19.57 -6.77
N ASN A 254 -6.97 18.24 -6.81
CA ASN A 254 -7.96 17.53 -7.61
C ASN A 254 -7.95 17.98 -9.06
N HIS A 255 -9.11 17.92 -9.69
CA HIS A 255 -9.21 18.32 -11.09
C HIS A 255 -9.35 17.06 -11.94
N ALA A 256 -9.28 15.91 -11.27
CA ALA A 256 -9.41 14.64 -11.96
C ALA A 256 -10.37 13.71 -11.22
C1 EPH B . 8.97 -11.65 -18.69
C2 EPH B . 10.05 -10.74 -19.07
C4 EPH B . 6.72 -11.43 -18.20
O2 EPH B . 7.82 -10.83 -18.58
O4 EPH B . 6.66 -12.58 -17.93
C18 EPH B . 5.53 -10.45 -18.10
C19 EPH B . 4.91 -10.41 -16.70
C20 EPH B . 5.85 -9.86 -15.64
C21 EPH B . 5.39 -10.18 -14.23
C22 EPH B . 6.29 -9.48 -13.19
C23 EPH B . 5.57 -8.83 -12.01
C24 EPH B . 4.58 -7.72 -12.37
C25 EPH B . 5.04 -6.29 -12.09
C26 EPH B . 4.87 -5.40 -13.32
C27 EPH B . 5.19 -3.91 -13.15
C28 EPH B . 4.71 -3.23 -11.85
C29 EPH B . 3.20 -3.15 -11.68
C30 EPH B . 2.70 -4.14 -10.62
C31 EPH B . 1.83 -3.48 -9.55
C32 EPH B . 2.62 -2.72 -8.49
C33 EPH B . 3.40 -3.60 -7.50
C34 EPH B . 4.46 -2.82 -6.74
C37 EPH B . 11.25 -11.52 -19.48
O5 EPH B . 12.15 -10.60 -20.05
C3 EPH B . 10.33 -8.63 -18.14
O1 EPH B . 10.36 -9.94 -17.95
O3 EPH B . 10.01 -8.11 -19.17
C5 EPH B . 10.73 -7.82 -16.91
C6 EPH B . 9.43 -7.39 -16.24
C7 EPH B . 9.75 -6.59 -14.99
C8 EPH B . 8.64 -6.48 -13.96
C9 EPH B . 9.13 -5.58 -12.83
C10 EPH B . 8.72 -5.93 -11.40
C11 EPH B . 8.24 -4.68 -10.68
C12 EPH B . 8.60 -4.49 -9.19
C13 EPH B . 8.18 -5.59 -8.27
C14 EPH B . 7.28 -5.04 -7.19
C15 EPH B . 6.77 -6.16 -6.28
C16 EPH B . 5.61 -6.95 -6.91
C17 EPH B . 5.91 -8.44 -6.91
C35 EPH B . 5.73 -9.03 -8.28
C36 EPH B . 6.14 -10.48 -8.28
P1 EPH B . 13.59 -11.09 -20.45
O6 EPH B . 14.36 -10.08 -21.31
O7 EPH B . 14.22 -11.28 -19.01
O8 EPH B . 13.43 -12.47 -21.08
C38 EPH B . 13.28 -13.60 -20.21
C39 EPH B . 12.31 -14.64 -20.74
N1 EPH B . 12.76 -15.82 -20.02
#